data_7EFA
#
_entry.id   7EFA
#
_cell.length_a   87.780
_cell.length_b   87.780
_cell.length_c   124.380
_cell.angle_alpha   90.000
_cell.angle_beta   90.000
_cell.angle_gamma   120.000
#
_symmetry.space_group_name_H-M   'P 63'
#
loop_
_entity.id
_entity.type
_entity.pdbx_description
1 polymer 'Proliferating cell nuclear antigen'
2 polymer 'Adenine DNA glycosylase'
3 water water
#
loop_
_entity_poly.entity_id
_entity_poly.type
_entity_poly.pdbx_seq_one_letter_code
_entity_poly.pdbx_strand_id
1 'polypeptide(L)'
;MFEARLVQGSILKKVLEALKDLINEACWDISSSGVNLQSMDSSHVSLVQLTLRSEGFDTYRCDRNLAMGVNLTSMSKILK
CAGNEDIITLRAEDNADTLALVFEAPNQEKVSDYEMKLMDLDVEQLGIPEQEYSCVVKMPSGEFARICRDLSHIGDAVVI
SCAKDGVKFSASGELGNGNIKLSQTSNVDKEEEAVTIEMNEPVQLTFALRYLNFFTKATPLSSTVTLSMSADVPLVVEYK
IADMGHLKYYLAPKIEDEEGS
;
A
2 'polypeptide(L)'
;GPLGSRRPPREEYSATCVVEQPGAIGGPLVLLVQRPDSGLLAGLWEFPSVTLEPSEQHQHKALLQELQRWCGPLPAIRLQ
HLGEVIHIFSHIKLTYQVYSLALDQAPASTAPPGARWLTWEEFCNAAVSTAMKKVFRMYEDHRQGTRKGSKRSQVCPPSS
RKKPSLGQQVLDTFFQRHIPTDKPNSTTQ
;
B
#
# COMPACT_ATOMS: atom_id res chain seq x y z
N MET A 1 -18.58 -9.26 28.36
CA MET A 1 -18.62 -10.61 27.81
C MET A 1 -19.07 -10.57 26.35
N PHE A 2 -18.16 -10.91 25.44
CA PHE A 2 -18.43 -10.88 24.01
C PHE A 2 -18.32 -12.31 23.45
N GLU A 3 -19.38 -12.76 22.78
CA GLU A 3 -19.37 -14.05 22.12
C GLU A 3 -20.08 -13.93 20.79
N ALA A 4 -19.48 -14.47 19.73
CA ALA A 4 -20.04 -14.41 18.39
C ALA A 4 -19.84 -15.75 17.72
N ARG A 5 -20.94 -16.38 17.30
CA ARG A 5 -20.93 -17.70 16.69
C ARG A 5 -21.23 -17.55 15.20
N LEU A 6 -20.32 -18.03 14.36
CA LEU A 6 -20.43 -17.93 12.92
C LEU A 6 -20.42 -19.32 12.32
N VAL A 7 -21.53 -19.72 11.68
CA VAL A 7 -21.63 -21.05 11.11
C VAL A 7 -20.64 -21.24 9.97
N GLN A 8 -20.63 -20.32 9.02
CA GLN A 8 -19.70 -20.39 7.89
C GLN A 8 -18.37 -19.77 8.31
N GLY A 9 -17.52 -20.59 8.92
CA GLY A 9 -16.20 -20.12 9.33
C GLY A 9 -15.27 -19.78 8.19
N SER A 10 -15.59 -20.22 6.97
CA SER A 10 -14.74 -19.87 5.83
C SER A 10 -14.67 -18.36 5.64
N ILE A 11 -15.76 -17.66 5.94
CA ILE A 11 -15.79 -16.20 5.83
C ILE A 11 -14.62 -15.59 6.60
N LEU A 12 -14.45 -16.01 7.86
CA LEU A 12 -13.42 -15.41 8.70
C LEU A 12 -12.02 -15.80 8.24
N LYS A 13 -11.85 -17.02 7.74
CA LYS A 13 -10.55 -17.41 7.18
C LYS A 13 -10.19 -16.52 6.00
N LYS A 14 -11.12 -16.37 5.06
CA LYS A 14 -10.87 -15.54 3.89
C LYS A 14 -10.57 -14.09 4.27
N VAL A 15 -11.22 -13.58 5.31
CA VAL A 15 -11.03 -12.18 5.68
C VAL A 15 -9.61 -11.94 6.15
N LEU A 16 -9.10 -12.80 7.04
CA LEU A 16 -7.72 -12.65 7.49
C LEU A 16 -6.73 -12.84 6.34
N GLU A 17 -7.03 -13.76 5.43
CA GLU A 17 -6.20 -13.92 4.23
C GLU A 17 -6.18 -12.64 3.39
N ALA A 18 -7.25 -11.86 3.44
CA ALA A 18 -7.34 -10.62 2.68
C ALA A 18 -6.72 -9.43 3.39
N LEU A 19 -6.31 -9.58 4.65
CA LEU A 19 -5.68 -8.50 5.41
C LEU A 19 -4.23 -8.79 5.77
N LYS A 20 -3.89 -10.05 6.03
CA LYS A 20 -2.56 -10.43 6.50
C LYS A 20 -1.45 -9.77 5.68
N ASP A 21 -1.53 -9.87 4.35
CA ASP A 21 -0.43 -9.41 3.52
C ASP A 21 -0.35 -7.91 3.40
N LEU A 22 -1.43 -7.19 3.74
CA LEU A 22 -1.47 -5.75 3.63
C LEU A 22 -1.36 -5.04 4.97
N ILE A 23 -1.91 -5.59 6.03
CA ILE A 23 -1.88 -4.98 7.36
C ILE A 23 -1.36 -6.01 8.34
N ASN A 24 -0.32 -5.63 9.09
CA ASN A 24 0.27 -6.57 10.04
C ASN A 24 -0.45 -6.55 11.38
N GLU A 25 -0.92 -5.38 11.83
CA GLU A 25 -1.59 -5.25 13.11
C GLU A 25 -2.69 -4.20 13.00
N ALA A 26 -3.85 -4.49 13.60
CA ALA A 26 -5.02 -3.64 13.49
C ALA A 26 -5.86 -3.74 14.75
N CYS A 27 -6.73 -2.76 14.94
CA CYS A 27 -7.62 -2.71 16.09
C CYS A 27 -9.02 -3.15 15.66
N TRP A 28 -9.65 -3.97 16.50
CA TRP A 28 -10.98 -4.49 16.24
C TRP A 28 -11.99 -3.76 17.13
N ASP A 29 -12.97 -3.11 16.50
CA ASP A 29 -14.05 -2.43 17.22
C ASP A 29 -15.23 -3.38 17.31
N ILE A 30 -15.57 -3.78 18.54
CA ILE A 30 -16.71 -4.67 18.79
C ILE A 30 -17.77 -3.87 19.52
N SER A 31 -19.02 -4.03 19.11
CA SER A 31 -20.13 -3.30 19.71
C SER A 31 -21.42 -4.08 19.44
N SER A 32 -22.56 -3.44 19.70
CA SER A 32 -23.85 -4.08 19.42
C SER A 32 -24.12 -4.17 17.93
N SER A 33 -23.60 -3.22 17.15
CA SER A 33 -23.82 -3.25 15.71
C SER A 33 -23.13 -4.45 15.07
N GLY A 34 -21.95 -4.79 15.54
CA GLY A 34 -21.19 -5.88 14.98
C GLY A 34 -19.70 -5.61 15.14
N VAL A 35 -18.94 -5.99 14.12
CA VAL A 35 -17.49 -5.87 14.10
C VAL A 35 -17.09 -4.84 13.06
N ASN A 36 -16.17 -3.96 13.43
CA ASN A 36 -15.63 -2.95 12.52
C ASN A 36 -14.13 -2.87 12.70
N LEU A 37 -13.43 -2.66 11.58
CA LEU A 37 -11.97 -2.62 11.58
C LEU A 37 -11.52 -1.65 10.50
N GLN A 38 -10.75 -0.65 10.90
CA GLN A 38 -10.20 0.33 9.97
C GLN A 38 -8.72 0.51 10.26
N SER A 39 -7.89 0.40 9.22
CA SER A 39 -6.45 0.55 9.38
C SER A 39 -5.81 0.82 8.03
N MET A 40 -4.81 1.69 8.04
CA MET A 40 -3.98 1.95 6.87
C MET A 40 -2.73 1.09 6.91
N ASP A 41 -2.13 0.88 5.74
CA ASP A 41 -0.84 0.21 5.70
C ASP A 41 0.25 1.17 6.16
N SER A 42 1.48 0.66 6.24
CA SER A 42 2.58 1.44 6.82
C SER A 42 2.84 2.71 6.02
N SER A 43 2.71 2.63 4.69
CA SER A 43 2.99 3.78 3.84
C SER A 43 1.86 4.79 3.80
N HIS A 44 0.75 4.53 4.48
CA HIS A 44 -0.42 5.41 4.50
C HIS A 44 -1.01 5.62 3.11
N VAL A 45 -0.67 4.76 2.16
CA VAL A 45 -1.16 4.88 0.80
C VAL A 45 -2.50 4.18 0.61
N SER A 46 -2.73 3.07 1.30
CA SER A 46 -3.99 2.34 1.20
C SER A 46 -4.60 2.20 2.59
N LEU A 47 -5.88 1.84 2.60
CA LEU A 47 -6.63 1.64 3.83
C LEU A 47 -7.67 0.55 3.60
N VAL A 48 -7.91 -0.25 4.62
CA VAL A 48 -8.91 -1.30 4.57
C VAL A 48 -9.98 -0.97 5.60
N GLN A 49 -11.22 -1.33 5.28
CA GLN A 49 -12.35 -1.09 6.17
C GLN A 49 -13.22 -2.34 6.15
N LEU A 50 -13.24 -3.06 7.26
CA LEU A 50 -14.02 -4.29 7.39
C LEU A 50 -15.26 -4.02 8.23
N THR A 51 -16.42 -4.49 7.76
CA THR A 51 -17.67 -4.39 8.50
C THR A 51 -18.36 -5.74 8.47
N LEU A 52 -18.63 -6.29 9.66
CA LEU A 52 -19.37 -7.54 9.82
C LEU A 52 -20.55 -7.25 10.72
N ARG A 53 -21.73 -7.08 10.13
CA ARG A 53 -22.92 -6.78 10.91
C ARG A 53 -23.27 -7.95 11.83
N SER A 54 -23.80 -7.62 13.02
CA SER A 54 -24.11 -8.66 13.99
C SER A 54 -25.22 -9.59 13.50
N GLU A 55 -26.11 -9.09 12.65
CA GLU A 55 -27.21 -9.91 12.15
C GLU A 55 -26.73 -11.09 11.33
N GLY A 56 -25.53 -11.02 10.75
CA GLY A 56 -24.96 -12.11 9.98
C GLY A 56 -24.34 -13.22 10.78
N PHE A 57 -24.43 -13.19 12.10
CA PHE A 57 -23.91 -14.25 12.95
C PHE A 57 -25.04 -15.15 13.43
N ASP A 58 -24.73 -16.43 13.61
CA ASP A 58 -25.70 -17.35 14.21
C ASP A 58 -26.08 -16.88 15.61
N THR A 59 -25.08 -16.50 16.40
CA THR A 59 -25.28 -15.99 17.75
C THR A 59 -24.35 -14.80 17.95
N TYR A 60 -24.87 -13.75 18.58
CA TYR A 60 -24.09 -12.55 18.83
C TYR A 60 -24.42 -11.99 20.20
N ARG A 61 -23.39 -11.56 20.92
CA ARG A 61 -23.55 -11.00 22.26
C ARG A 61 -22.37 -10.08 22.53
N CYS A 62 -22.65 -8.91 23.08
CA CYS A 62 -21.60 -7.92 23.35
C CYS A 62 -22.09 -7.03 24.48
N ASP A 63 -21.64 -7.31 25.71
CA ASP A 63 -22.04 -6.54 26.88
C ASP A 63 -21.24 -5.26 27.06
N ARG A 64 -20.15 -5.08 26.32
CA ARG A 64 -19.28 -3.93 26.48
C ARG A 64 -18.52 -3.70 25.19
N ASN A 65 -18.45 -2.45 24.75
CA ASN A 65 -17.67 -2.10 23.58
C ASN A 65 -16.20 -2.39 23.83
N LEU A 66 -15.59 -3.17 22.95
CA LEU A 66 -14.23 -3.64 23.10
C LEU A 66 -13.36 -3.12 21.97
N ALA A 67 -12.12 -2.77 22.30
CA ALA A 67 -11.12 -2.33 21.32
C ALA A 67 -9.94 -3.29 21.40
N MET A 68 -9.92 -4.28 20.51
CA MET A 68 -8.93 -5.35 20.56
C MET A 68 -7.84 -5.11 19.51
N GLY A 69 -6.60 -4.92 19.97
CA GLY A 69 -5.47 -4.90 19.08
C GLY A 69 -5.00 -6.31 18.78
N VAL A 70 -4.91 -6.67 17.51
CA VAL A 70 -4.68 -8.05 17.10
C VAL A 70 -3.56 -8.09 16.06
N ASN A 71 -2.55 -8.90 16.31
CA ASN A 71 -1.58 -9.23 15.27
C ASN A 71 -2.28 -10.08 14.22
N LEU A 72 -2.48 -9.50 13.04
CA LEU A 72 -3.22 -10.20 12.00
C LEU A 72 -2.45 -11.43 11.50
N THR A 73 -1.12 -11.37 11.50
CA THR A 73 -0.34 -12.55 11.13
C THR A 73 -0.62 -13.69 12.10
N SER A 74 -0.57 -13.42 13.40
CA SER A 74 -0.87 -14.45 14.39
C SER A 74 -2.29 -14.98 14.24
N MET A 75 -3.25 -14.09 14.00
CA MET A 75 -4.63 -14.53 13.88
C MET A 75 -4.85 -15.38 12.63
N SER A 76 -4.14 -15.09 11.54
CA SER A 76 -4.28 -15.92 10.35
C SER A 76 -3.65 -17.31 10.57
N LYS A 77 -2.50 -17.37 11.26
CA LYS A 77 -1.94 -18.66 11.61
C LYS A 77 -2.94 -19.50 12.39
N ILE A 78 -3.65 -18.89 13.32
CA ILE A 78 -4.65 -19.62 14.12
C ILE A 78 -5.83 -20.02 13.24
N LEU A 79 -6.32 -19.08 12.42
CA LEU A 79 -7.43 -19.41 11.53
C LEU A 79 -7.06 -20.46 10.50
N LYS A 80 -5.76 -20.59 10.20
CA LYS A 80 -5.32 -21.68 9.33
C LYS A 80 -5.68 -23.04 9.91
N CYS A 81 -5.73 -23.16 11.24
CA CYS A 81 -6.09 -24.41 11.89
C CYS A 81 -7.58 -24.73 11.81
N ALA A 82 -8.37 -23.89 11.16
CA ALA A 82 -9.81 -24.08 11.05
C ALA A 82 -10.15 -24.63 9.66
N GLY A 83 -11.09 -25.57 9.62
CA GLY A 83 -11.55 -26.10 8.35
C GLY A 83 -12.64 -25.22 7.74
N ASN A 84 -12.71 -25.25 6.41
CA ASN A 84 -13.66 -24.39 5.70
C ASN A 84 -15.09 -24.64 6.15
N GLU A 85 -15.40 -25.85 6.61
CA GLU A 85 -16.75 -26.21 7.02
C GLU A 85 -16.93 -26.15 8.54
N ASP A 86 -16.00 -25.53 9.26
CA ASP A 86 -16.09 -25.46 10.70
C ASP A 86 -16.95 -24.29 11.14
N ILE A 87 -17.56 -24.43 12.31
CA ILE A 87 -18.29 -23.33 12.95
C ILE A 87 -17.31 -22.63 13.88
N ILE A 88 -16.97 -21.40 13.57
CA ILE A 88 -16.01 -20.63 14.35
C ILE A 88 -16.77 -19.80 15.38
N THR A 89 -16.19 -19.68 16.56
CA THR A 89 -16.78 -18.91 17.65
C THR A 89 -15.70 -18.04 18.28
N LEU A 90 -15.95 -16.74 18.32
CA LEU A 90 -15.05 -15.80 18.98
C LEU A 90 -15.62 -15.46 20.35
N ARG A 91 -14.76 -15.45 21.35
CA ARG A 91 -15.21 -15.18 22.71
C ARG A 91 -14.16 -14.33 23.41
N ALA A 92 -14.61 -13.31 24.12
CA ALA A 92 -13.73 -12.41 24.86
C ALA A 92 -14.44 -12.03 26.17
N GLU A 93 -13.94 -12.54 27.28
CA GLU A 93 -14.51 -12.24 28.58
C GLU A 93 -14.16 -10.81 28.99
N ASP A 94 -14.71 -10.38 30.12
CA ASP A 94 -14.49 -9.01 30.58
C ASP A 94 -13.04 -8.80 31.00
N ASN A 95 -12.59 -9.55 32.01
CA ASN A 95 -11.22 -9.42 32.51
C ASN A 95 -10.33 -10.52 31.95
N ALA A 96 -10.25 -10.56 30.62
CA ALA A 96 -9.37 -11.49 29.92
C ALA A 96 -8.57 -10.71 28.89
N ASP A 97 -7.25 -10.86 28.94
CA ASP A 97 -6.35 -10.19 28.02
C ASP A 97 -6.09 -11.01 26.76
N THR A 98 -6.92 -12.01 26.47
CA THR A 98 -6.73 -12.86 25.31
C THR A 98 -8.07 -13.08 24.62
N LEU A 99 -8.00 -13.38 23.33
CA LEU A 99 -9.17 -13.70 22.52
C LEU A 99 -9.29 -15.21 22.37
N ALA A 100 -10.48 -15.74 22.60
CA ALA A 100 -10.74 -17.16 22.49
C ALA A 100 -11.38 -17.46 21.14
N LEU A 101 -10.86 -18.47 20.45
CA LEU A 101 -11.41 -18.93 19.18
C LEU A 101 -11.67 -20.43 19.29
N VAL A 102 -12.92 -20.82 19.04
CA VAL A 102 -13.34 -22.21 19.14
C VAL A 102 -13.79 -22.68 17.77
N PHE A 103 -13.08 -23.67 17.22
CA PHE A 103 -13.44 -24.27 15.94
C PHE A 103 -14.13 -25.60 16.19
N GLU A 104 -15.31 -25.78 15.59
CA GLU A 104 -16.11 -26.98 15.75
C GLU A 104 -16.25 -27.68 14.41
N ALA A 105 -15.65 -28.87 14.30
CA ALA A 105 -15.79 -29.67 13.10
C ALA A 105 -17.26 -30.00 12.86
N PRO A 106 -17.65 -30.26 11.60
CA PRO A 106 -19.09 -30.46 11.31
C PRO A 106 -19.72 -31.62 12.08
N ASN A 107 -19.13 -32.81 12.00
CA ASN A 107 -19.74 -34.00 12.62
C ASN A 107 -19.49 -34.09 14.12
N GLN A 108 -19.09 -32.99 14.77
CA GLN A 108 -18.88 -32.89 16.21
C GLN A 108 -17.83 -33.86 16.75
N GLU A 109 -17.13 -34.57 15.87
CA GLU A 109 -16.08 -35.47 16.33
C GLU A 109 -14.89 -34.69 16.87
N LYS A 110 -14.62 -33.50 16.33
CA LYS A 110 -13.44 -32.72 16.65
C LYS A 110 -13.89 -31.34 17.14
N VAL A 111 -13.25 -30.88 18.22
CA VAL A 111 -13.50 -29.53 18.76
C VAL A 111 -12.15 -28.94 19.11
N SER A 112 -11.83 -27.78 18.54
CA SER A 112 -10.58 -27.08 18.78
C SER A 112 -10.88 -25.74 19.45
N ASP A 113 -10.04 -25.36 20.40
CA ASP A 113 -10.15 -24.07 21.07
C ASP A 113 -8.78 -23.44 21.16
N TYR A 114 -8.67 -22.19 20.73
CA TYR A 114 -7.40 -21.48 20.70
C TYR A 114 -7.50 -20.23 21.55
N GLU A 115 -6.35 -19.60 21.78
CA GLU A 115 -6.26 -18.44 22.67
C GLU A 115 -5.03 -17.65 22.28
N MET A 116 -5.22 -16.56 21.53
CA MET A 116 -4.07 -15.75 21.11
C MET A 116 -3.80 -14.64 22.12
N LYS A 117 -2.50 -14.35 22.32
CA LYS A 117 -2.06 -13.57 23.47
C LYS A 117 -2.55 -12.13 23.42
N LEU A 118 -2.81 -11.59 22.23
CA LEU A 118 -3.42 -10.27 22.05
C LEU A 118 -2.49 -9.14 22.45
N MET A 119 -2.65 -7.98 21.84
CA MET A 119 -1.78 -6.84 22.11
C MET A 119 -2.62 -5.56 22.09
N ASP A 120 -1.95 -4.43 22.33
CA ASP A 120 -2.62 -3.14 22.33
C ASP A 120 -1.62 -2.07 21.92
N LEU A 121 -2.01 -1.22 20.99
CA LEU A 121 -1.19 -0.10 20.55
C LEU A 121 -2.06 1.12 20.30
N ASP A 122 -1.46 2.31 20.48
CA ASP A 122 -2.17 3.56 20.25
C ASP A 122 -2.33 3.79 18.76
N VAL A 123 -3.57 3.75 18.27
CA VAL A 123 -3.87 3.93 16.85
C VAL A 123 -4.81 5.12 16.69
N GLU A 124 -4.71 5.78 15.54
CA GLU A 124 -5.50 6.96 15.27
C GLU A 124 -6.78 6.61 14.51
N GLN A 125 -7.84 7.36 14.79
CA GLN A 125 -9.13 7.17 14.16
C GLN A 125 -9.31 8.17 13.03
N LEU A 126 -9.89 7.71 11.93
CA LEU A 126 -10.16 8.53 10.75
C LEU A 126 -11.64 8.46 10.41
N GLY A 127 -12.00 9.07 9.28
CA GLY A 127 -13.37 9.03 8.80
C GLY A 127 -13.40 9.02 7.29
N ILE A 128 -14.41 8.37 6.73
CA ILE A 128 -14.57 8.29 5.28
C ILE A 128 -15.79 9.09 4.87
N PRO A 129 -15.63 10.31 4.34
CA PRO A 129 -16.80 11.10 3.94
C PRO A 129 -17.61 10.42 2.84
N GLU A 130 -18.77 9.87 3.20
CA GLU A 130 -19.61 9.17 2.24
C GLU A 130 -20.12 10.14 1.17
N GLN A 131 -19.45 10.17 0.02
CA GLN A 131 -19.72 11.14 -1.03
C GLN A 131 -20.31 10.44 -2.25
N GLU A 132 -20.61 11.25 -3.27
CA GLU A 132 -21.15 10.76 -4.53
C GLU A 132 -20.01 10.49 -5.49
N TYR A 133 -19.92 9.27 -5.99
CA TYR A 133 -18.85 8.90 -6.91
C TYR A 133 -19.30 9.11 -8.35
N SER A 134 -18.38 9.65 -9.17
CA SER A 134 -18.71 10.01 -10.54
C SER A 134 -19.00 8.79 -11.39
N CYS A 135 -18.34 7.66 -11.12
CA CYS A 135 -18.51 6.46 -11.93
C CYS A 135 -18.35 5.24 -11.03
N VAL A 136 -19.39 4.41 -10.98
CA VAL A 136 -19.37 3.15 -10.24
C VAL A 136 -19.30 2.01 -11.24
N VAL A 137 -18.37 1.09 -11.03
CA VAL A 137 -18.13 -0.02 -11.94
C VAL A 137 -18.32 -1.32 -11.19
N LYS A 138 -19.25 -2.16 -11.66
CA LYS A 138 -19.49 -3.48 -11.11
C LYS A 138 -19.07 -4.53 -12.12
N MET A 139 -18.21 -5.45 -11.72
CA MET A 139 -17.58 -6.39 -12.63
C MET A 139 -17.23 -7.66 -11.86
N PRO A 140 -17.03 -8.78 -12.56
CA PRO A 140 -16.65 -10.02 -11.87
C PRO A 140 -15.36 -9.86 -11.10
N SER A 141 -15.31 -10.48 -9.92
CA SER A 141 -14.13 -10.38 -9.07
C SER A 141 -12.93 -11.07 -9.69
N GLY A 142 -13.15 -12.25 -10.29
CA GLY A 142 -12.05 -12.96 -10.92
C GLY A 142 -11.44 -12.17 -12.06
N GLU A 143 -12.28 -11.55 -12.88
CA GLU A 143 -11.80 -10.76 -14.01
C GLU A 143 -10.95 -9.59 -13.53
N PHE A 144 -11.41 -8.88 -12.51
CA PHE A 144 -10.61 -7.77 -11.97
C PHE A 144 -9.27 -8.26 -11.45
N ALA A 145 -9.25 -9.45 -10.84
CA ALA A 145 -7.98 -10.01 -10.38
C ALA A 145 -7.06 -10.32 -11.55
N ARG A 146 -7.60 -10.92 -12.62
CA ARG A 146 -6.77 -11.23 -13.79
C ARG A 146 -6.20 -9.97 -14.40
N ILE A 147 -7.01 -8.92 -14.53
CA ILE A 147 -6.54 -7.65 -15.09
C ILE A 147 -5.38 -7.10 -14.27
N CYS A 148 -5.57 -6.95 -12.95
CA CYS A 148 -4.52 -6.38 -12.12
C CYS A 148 -3.27 -7.26 -12.11
N ARG A 149 -3.43 -8.57 -12.23
CA ARG A 149 -2.28 -9.45 -12.32
C ARG A 149 -1.55 -9.27 -13.65
N ASP A 150 -2.31 -9.23 -14.75
CA ASP A 150 -1.68 -9.19 -16.07
C ASP A 150 -0.93 -7.89 -16.29
N LEU A 151 -1.54 -6.75 -15.96
CA LEU A 151 -0.89 -5.47 -16.19
C LEU A 151 0.34 -5.27 -15.31
N SER A 152 0.48 -6.07 -14.24
CA SER A 152 1.68 -5.99 -13.42
C SER A 152 2.92 -6.44 -14.17
N HIS A 153 2.75 -7.22 -15.25
CA HIS A 153 3.88 -7.61 -16.09
C HIS A 153 4.24 -6.53 -17.09
N ILE A 154 3.32 -5.61 -17.38
CA ILE A 154 3.58 -4.53 -18.34
C ILE A 154 4.21 -3.34 -17.66
N GLY A 155 3.58 -2.86 -16.57
CA GLY A 155 4.08 -1.72 -15.83
C GLY A 155 3.64 -1.82 -14.39
N ASP A 156 4.05 -0.84 -13.59
CA ASP A 156 3.73 -0.82 -12.17
C ASP A 156 2.60 0.13 -11.82
N ALA A 157 2.09 0.90 -12.79
CA ALA A 157 0.96 1.78 -12.59
C ALA A 157 -0.11 1.49 -13.62
N VAL A 158 -1.38 1.70 -13.23
CA VAL A 158 -2.53 1.44 -14.09
C VAL A 158 -3.39 2.70 -14.14
N VAL A 159 -3.84 3.06 -15.35
CA VAL A 159 -4.72 4.20 -15.55
C VAL A 159 -6.12 3.67 -15.86
N ILE A 160 -7.06 3.95 -14.97
CA ILE A 160 -8.45 3.52 -15.13
C ILE A 160 -9.23 4.65 -15.78
N SER A 161 -9.80 4.37 -16.95
CA SER A 161 -10.60 5.34 -17.69
C SER A 161 -12.08 5.04 -17.51
N CYS A 162 -12.88 6.09 -17.38
CA CYS A 162 -14.32 5.97 -17.20
C CYS A 162 -15.04 6.74 -18.29
N ALA A 163 -16.15 6.18 -18.76
CA ALA A 163 -17.00 6.83 -19.74
C ALA A 163 -18.35 6.10 -19.75
N LYS A 164 -19.30 6.67 -20.50
CA LYS A 164 -20.60 6.02 -20.61
C LYS A 164 -20.51 4.69 -21.34
N ASP A 165 -19.59 4.58 -22.30
CA ASP A 165 -19.39 3.33 -23.04
C ASP A 165 -18.89 2.23 -22.11
N GLY A 166 -17.65 2.35 -21.63
CA GLY A 166 -17.09 1.31 -20.80
C GLY A 166 -15.93 1.81 -19.98
N VAL A 167 -15.19 0.86 -19.40
CA VAL A 167 -14.05 1.14 -18.54
C VAL A 167 -12.79 0.59 -19.19
N LYS A 168 -11.70 1.35 -19.12
CA LYS A 168 -10.45 1.02 -19.78
C LYS A 168 -9.34 0.93 -18.74
N PHE A 169 -8.52 -0.12 -18.86
CA PHE A 169 -7.36 -0.32 -18.00
C PHE A 169 -6.11 -0.28 -18.86
N SER A 170 -5.22 0.68 -18.58
CA SER A 170 -4.02 0.87 -19.37
C SER A 170 -2.79 0.86 -18.47
N ALA A 171 -1.67 0.40 -19.03
CA ALA A 171 -0.40 0.38 -18.32
C ALA A 171 0.73 0.43 -19.33
N SER A 172 1.87 0.98 -18.91
CA SER A 172 3.03 1.14 -19.77
C SER A 172 4.29 0.78 -19.01
N GLY A 173 5.27 0.26 -19.75
CA GLY A 173 6.51 -0.15 -19.16
C GLY A 173 7.62 -0.23 -20.19
N GLU A 174 8.70 -0.92 -19.81
CA GLU A 174 9.88 -0.97 -20.65
C GLU A 174 9.63 -1.75 -21.94
N LEU A 175 8.84 -2.82 -21.86
CA LEU A 175 8.60 -3.63 -23.05
C LEU A 175 7.53 -3.04 -23.96
N GLY A 176 6.67 -2.19 -23.43
CA GLY A 176 5.59 -1.59 -24.21
C GLY A 176 4.43 -1.19 -23.32
N ASN A 177 3.23 -1.20 -23.90
CA ASN A 177 2.02 -0.82 -23.18
C ASN A 177 0.87 -1.71 -23.60
N GLY A 178 -0.20 -1.67 -22.82
CA GLY A 178 -1.39 -2.46 -23.10
C GLY A 178 -2.64 -1.75 -22.62
N ASN A 179 -3.76 -2.04 -23.29
CA ASN A 179 -5.06 -1.48 -22.93
C ASN A 179 -6.07 -2.63 -22.84
N ILE A 180 -6.70 -2.77 -21.68
CA ILE A 180 -7.77 -3.76 -21.47
C ILE A 180 -9.09 -3.00 -21.42
N LYS A 181 -9.91 -3.15 -22.46
CA LYS A 181 -11.18 -2.45 -22.56
C LYS A 181 -12.32 -3.41 -22.25
N LEU A 182 -13.06 -3.13 -21.17
CA LEU A 182 -14.22 -3.90 -20.79
C LEU A 182 -15.49 -3.17 -21.21
N SER A 183 -16.28 -3.81 -22.07
CA SER A 183 -17.49 -3.19 -22.58
C SER A 183 -18.64 -3.34 -21.58
N GLN A 184 -19.57 -2.40 -21.64
CA GLN A 184 -20.77 -2.45 -20.81
C GLN A 184 -21.67 -3.58 -21.31
N THR A 185 -21.71 -4.68 -20.54
CA THR A 185 -22.47 -5.85 -20.95
C THR A 185 -23.96 -5.55 -20.87
N SER A 186 -24.61 -5.43 -22.02
CA SER A 186 -26.05 -5.21 -22.09
C SER A 186 -26.82 -6.35 -22.74
N ASN A 187 -26.17 -7.19 -23.52
CA ASN A 187 -26.81 -8.32 -24.17
C ASN A 187 -26.45 -9.66 -23.52
N VAL A 188 -25.60 -9.66 -22.49
CA VAL A 188 -25.19 -10.89 -21.83
C VAL A 188 -26.16 -11.19 -20.69
N ASP A 189 -26.15 -10.35 -19.66
CA ASP A 189 -27.00 -10.51 -18.47
C ASP A 189 -26.68 -11.85 -17.83
N LYS A 190 -27.62 -12.79 -17.75
CA LYS A 190 -27.42 -14.12 -17.14
C LYS A 190 -27.02 -13.89 -15.67
N GLU A 191 -25.94 -14.51 -15.18
CA GLU A 191 -25.52 -14.33 -13.80
C GLU A 191 -24.95 -12.93 -13.61
N GLU A 192 -24.43 -12.68 -12.41
CA GLU A 192 -23.81 -11.40 -12.10
C GLU A 192 -22.38 -11.35 -12.65
N GLU A 193 -22.11 -12.15 -13.68
CA GLU A 193 -20.84 -12.13 -14.39
C GLU A 193 -20.88 -11.01 -15.43
N ALA A 194 -21.76 -10.04 -15.23
CA ALA A 194 -21.94 -8.92 -16.14
C ALA A 194 -21.15 -7.71 -15.66
N VAL A 195 -21.06 -6.71 -16.52
CA VAL A 195 -20.37 -5.46 -16.24
C VAL A 195 -21.36 -4.33 -16.44
N THR A 196 -21.60 -3.54 -15.38
CA THR A 196 -22.51 -2.42 -15.44
C THR A 196 -21.76 -1.15 -15.08
N ILE A 197 -22.01 -0.09 -15.85
CA ILE A 197 -21.37 1.21 -15.66
C ILE A 197 -22.45 2.24 -15.33
N GLU A 198 -22.26 2.96 -14.22
CA GLU A 198 -23.12 4.06 -13.82
C GLU A 198 -22.24 5.30 -13.79
N MET A 199 -22.19 6.01 -14.92
CA MET A 199 -21.21 7.07 -15.15
C MET A 199 -21.91 8.43 -15.18
N ASN A 200 -21.34 9.40 -14.47
CA ASN A 200 -21.83 10.77 -14.48
C ASN A 200 -20.83 11.68 -15.21
N GLU A 201 -19.65 11.90 -14.63
CA GLU A 201 -18.57 12.66 -15.24
C GLU A 201 -17.42 11.72 -15.60
N PRO A 202 -16.76 11.94 -16.74
CA PRO A 202 -15.65 11.06 -17.13
C PRO A 202 -14.51 11.15 -16.12
N VAL A 203 -14.02 9.99 -15.69
CA VAL A 203 -12.98 9.90 -14.66
C VAL A 203 -11.73 9.28 -15.26
N GLN A 204 -10.57 9.81 -14.88
CA GLN A 204 -9.29 9.34 -15.38
C GLN A 204 -8.32 9.38 -14.20
N LEU A 205 -8.01 8.21 -13.64
CA LEU A 205 -7.18 8.12 -12.46
C LEU A 205 -6.10 7.06 -12.65
N THR A 206 -4.95 7.29 -12.00
CA THR A 206 -3.81 6.39 -12.06
C THR A 206 -3.52 5.83 -10.67
N PHE A 207 -3.23 4.54 -10.59
CA PHE A 207 -2.99 3.89 -9.31
C PHE A 207 -1.82 2.93 -9.43
N ALA A 208 -1.32 2.49 -8.27
CA ALA A 208 -0.21 1.56 -8.18
C ALA A 208 -0.73 0.13 -8.17
N LEU A 209 -0.22 -0.68 -9.10
CA LEU A 209 -0.69 -2.06 -9.22
C LEU A 209 -0.26 -2.93 -8.04
N ARG A 210 0.82 -2.55 -7.34
CA ARG A 210 1.23 -3.31 -6.17
C ARG A 210 0.11 -3.40 -5.14
N TYR A 211 -0.43 -2.24 -4.74
CA TYR A 211 -1.49 -2.24 -3.73
C TYR A 211 -2.75 -2.92 -4.25
N LEU A 212 -3.11 -2.69 -5.51
CA LEU A 212 -4.28 -3.36 -6.06
C LEU A 212 -4.12 -4.87 -6.04
N ASN A 213 -2.90 -5.37 -6.20
CA ASN A 213 -2.68 -6.81 -6.13
C ASN A 213 -2.77 -7.34 -4.71
N PHE A 214 -2.72 -6.46 -3.71
CA PHE A 214 -3.06 -6.87 -2.35
C PHE A 214 -4.57 -6.89 -2.13
N PHE A 215 -5.30 -6.00 -2.81
CA PHE A 215 -6.75 -5.96 -2.64
C PHE A 215 -7.42 -7.20 -3.19
N THR A 216 -6.97 -7.68 -4.35
CA THR A 216 -7.61 -8.83 -4.98
C THR A 216 -7.42 -10.12 -4.19
N LYS A 217 -6.66 -10.08 -3.09
CA LYS A 217 -6.63 -11.23 -2.19
C LYS A 217 -7.96 -11.46 -1.48
N ALA A 218 -8.89 -10.51 -1.57
CA ALA A 218 -10.25 -10.67 -1.09
C ALA A 218 -11.19 -11.27 -2.13
N THR A 219 -10.64 -11.79 -3.24
CA THR A 219 -11.48 -12.33 -4.29
C THR A 219 -12.39 -13.47 -3.83
N PRO A 220 -11.94 -14.45 -3.02
CA PRO A 220 -12.84 -15.54 -2.64
C PRO A 220 -14.08 -15.11 -1.88
N LEU A 221 -14.12 -13.87 -1.37
CA LEU A 221 -15.27 -13.41 -0.60
C LEU A 221 -16.51 -13.25 -1.47
N SER A 222 -16.34 -12.68 -2.67
CA SER A 222 -17.49 -12.33 -3.50
C SER A 222 -17.21 -12.70 -4.95
N SER A 223 -18.29 -13.04 -5.66
CA SER A 223 -18.18 -13.31 -7.09
C SER A 223 -17.95 -12.04 -7.90
N THR A 224 -18.33 -10.88 -7.38
CA THR A 224 -18.22 -9.61 -8.08
C THR A 224 -17.47 -8.62 -7.22
N VAL A 225 -17.08 -7.50 -7.84
CA VAL A 225 -16.42 -6.39 -7.16
C VAL A 225 -16.95 -5.11 -7.75
N THR A 226 -16.96 -4.05 -6.94
CA THR A 226 -17.38 -2.73 -7.38
C THR A 226 -16.24 -1.73 -7.19
N LEU A 227 -16.02 -0.90 -8.20
CA LEU A 227 -14.99 0.13 -8.16
C LEU A 227 -15.67 1.49 -8.27
N SER A 228 -15.34 2.40 -7.35
CA SER A 228 -15.94 3.72 -7.30
C SER A 228 -14.85 4.78 -7.39
N MET A 229 -15.06 5.78 -8.25
CA MET A 229 -14.07 6.80 -8.53
C MET A 229 -14.72 8.16 -8.61
N SER A 230 -13.88 9.19 -8.54
CA SER A 230 -14.29 10.58 -8.72
C SER A 230 -13.06 11.38 -9.16
N ALA A 231 -13.26 12.68 -9.35
CA ALA A 231 -12.16 13.55 -9.77
C ALA A 231 -11.21 13.78 -8.61
N ASP A 232 -10.00 13.21 -8.70
CA ASP A 232 -8.98 13.35 -7.67
C ASP A 232 -9.49 12.91 -6.30
N VAL A 233 -9.95 11.66 -6.24
CA VAL A 233 -10.57 11.09 -5.05
C VAL A 233 -10.10 9.65 -4.90
N PRO A 234 -9.78 9.20 -3.69
CA PRO A 234 -9.29 7.81 -3.53
C PRO A 234 -10.25 6.80 -4.15
N LEU A 235 -9.66 5.68 -4.59
CA LEU A 235 -10.44 4.62 -5.20
C LEU A 235 -11.10 3.76 -4.13
N VAL A 236 -12.32 3.30 -4.42
CA VAL A 236 -13.07 2.45 -3.52
C VAL A 236 -13.27 1.10 -4.21
N VAL A 237 -12.54 0.09 -3.76
CA VAL A 237 -12.70 -1.29 -4.21
C VAL A 237 -13.48 -2.02 -3.13
N GLU A 238 -14.72 -2.39 -3.44
CA GLU A 238 -15.65 -2.93 -2.45
C GLU A 238 -15.94 -4.39 -2.73
N TYR A 239 -15.72 -5.24 -1.72
CA TYR A 239 -16.01 -6.67 -1.79
C TYR A 239 -17.15 -7.00 -0.83
N LYS A 240 -18.25 -7.50 -1.38
CA LYS A 240 -19.45 -7.77 -0.59
C LYS A 240 -19.32 -9.12 0.10
N ILE A 241 -19.49 -9.12 1.43
CA ILE A 241 -19.57 -10.35 2.19
C ILE A 241 -21.04 -10.71 2.35
N ALA A 242 -21.39 -11.94 1.96
CA ALA A 242 -22.78 -12.37 1.81
C ALA A 242 -23.66 -12.02 3.00
N ASP A 243 -24.59 -11.07 2.78
CA ASP A 243 -25.56 -10.57 3.76
C ASP A 243 -24.99 -10.44 5.17
N MET A 244 -23.71 -10.09 5.28
CA MET A 244 -23.07 -9.85 6.55
C MET A 244 -22.39 -8.49 6.64
N GLY A 245 -21.95 -7.94 5.52
CA GLY A 245 -21.22 -6.69 5.51
C GLY A 245 -20.41 -6.58 4.24
N HIS A 246 -19.16 -6.15 4.35
CA HIS A 246 -18.34 -5.89 3.18
C HIS A 246 -16.89 -5.76 3.61
N LEU A 247 -16.02 -5.65 2.62
CA LEU A 247 -14.60 -5.36 2.84
C LEU A 247 -14.20 -4.35 1.78
N LYS A 248 -13.95 -3.11 2.20
CA LYS A 248 -13.64 -2.01 1.29
C LYS A 248 -12.17 -1.65 1.38
N TYR A 249 -11.53 -1.47 0.22
CA TYR A 249 -10.17 -1.00 0.14
C TYR A 249 -10.17 0.41 -0.45
N TYR A 250 -9.36 1.28 0.15
CA TYR A 250 -9.18 2.65 -0.34
C TYR A 250 -7.74 2.83 -0.78
N LEU A 251 -7.55 3.52 -1.91
CA LEU A 251 -6.22 3.67 -2.49
C LEU A 251 -6.07 5.05 -3.11
N ALA A 252 -5.01 5.76 -2.73
CA ALA A 252 -4.79 7.14 -3.13
C ALA A 252 -4.25 7.23 -4.56
N PRO A 253 -4.76 8.15 -5.38
CA PRO A 253 -4.23 8.34 -6.73
C PRO A 253 -3.13 9.40 -6.72
N LYS A 254 -2.54 9.62 -7.90
CA LYS A 254 -1.39 10.50 -8.05
C LYS A 254 -1.69 11.68 -8.96
N ILE A 255 -0.92 12.75 -8.78
CA ILE A 255 -1.01 13.93 -9.64
C ILE A 255 0.33 14.65 -9.53
N GLU A 256 0.63 15.48 -10.52
CA GLU A 256 1.88 16.23 -10.54
C GLU A 256 1.64 17.69 -10.14
N ARG B 10 5.38 14.24 13.02
CA ARG B 10 6.43 13.24 12.83
C ARG B 10 7.62 13.84 12.09
N GLU B 11 8.74 14.02 12.80
CA GLU B 11 9.94 14.60 12.23
C GLU B 11 10.90 13.49 11.83
N GLU B 12 11.40 13.57 10.60
CA GLU B 12 12.34 12.59 10.05
C GLU B 12 13.54 13.32 9.47
N TYR B 13 14.73 12.98 9.96
CA TYR B 13 15.96 13.60 9.51
C TYR B 13 16.72 12.66 8.59
N SER B 14 17.26 13.21 7.50
CA SER B 14 18.00 12.45 6.52
C SER B 14 19.19 13.26 6.02
N ALA B 15 20.01 12.64 5.19
CA ALA B 15 21.18 13.30 4.61
C ALA B 15 21.57 12.54 3.35
N THR B 16 21.71 13.27 2.24
CA THR B 16 22.04 12.69 0.95
C THR B 16 23.34 13.27 0.43
N CYS B 17 23.87 12.64 -0.62
CA CYS B 17 25.08 13.11 -1.29
C CYS B 17 25.03 12.73 -2.75
N VAL B 18 25.51 13.63 -3.61
CA VAL B 18 25.53 13.41 -5.05
C VAL B 18 26.98 13.10 -5.42
N VAL B 19 27.28 11.82 -5.58
CA VAL B 19 28.62 11.40 -5.98
C VAL B 19 28.79 11.68 -7.47
N GLU B 20 29.77 12.52 -7.81
CA GLU B 20 29.99 12.96 -9.17
C GLU B 20 31.31 12.40 -9.70
N GLN B 21 31.26 11.84 -10.90
CA GLN B 21 32.42 11.28 -11.59
C GLN B 21 32.68 12.05 -12.88
N PRO B 22 33.94 12.12 -13.32
CA PRO B 22 34.25 12.86 -14.55
C PRO B 22 33.63 12.24 -15.79
N GLY B 23 33.78 10.92 -15.95
CA GLY B 23 33.21 10.22 -17.09
C GLY B 23 33.86 10.60 -18.39
N ALA B 24 33.08 10.52 -19.47
CA ALA B 24 33.57 10.87 -20.80
C ALA B 24 32.73 11.99 -21.41
N ILE B 25 32.11 11.71 -22.55
CA ILE B 25 31.28 12.71 -23.21
C ILE B 25 29.99 12.93 -22.42
N GLY B 26 29.43 14.14 -22.54
CA GLY B 26 28.21 14.47 -21.84
C GLY B 26 28.33 14.46 -20.33
N GLY B 27 29.55 14.55 -19.78
CA GLY B 27 29.74 14.52 -18.37
C GLY B 27 29.27 15.80 -17.70
N PRO B 28 29.35 15.83 -16.35
CA PRO B 28 29.87 14.74 -15.52
C PRO B 28 28.81 13.69 -15.18
N LEU B 29 29.26 12.49 -14.84
CA LEU B 29 28.36 11.40 -14.45
C LEU B 29 28.09 11.45 -12.95
N VAL B 30 26.96 10.86 -12.56
CA VAL B 30 26.52 10.88 -11.17
C VAL B 30 25.97 9.52 -10.80
N LEU B 31 26.09 9.18 -9.51
CA LEU B 31 25.59 7.91 -8.99
C LEU B 31 24.15 8.07 -8.50
N LEU B 32 23.40 6.97 -8.58
CA LEU B 32 22.01 6.96 -8.15
C LEU B 32 21.61 5.55 -7.73
N VAL B 33 21.07 5.43 -6.53
CA VAL B 33 20.59 4.16 -6.02
C VAL B 33 19.08 4.08 -6.23
N GLN B 34 18.52 2.90 -6.03
CA GLN B 34 17.09 2.65 -6.23
C GLN B 34 16.42 2.45 -4.88
N ARG B 35 15.32 3.19 -4.66
CA ARG B 35 14.55 3.07 -3.43
C ARG B 35 13.89 1.70 -3.35
N PRO B 36 13.54 1.23 -2.15
CA PRO B 36 12.88 -0.06 -2.02
C PRO B 36 11.52 -0.07 -2.72
N ASP B 37 11.01 -1.29 -2.93
CA ASP B 37 9.76 -1.48 -3.65
C ASP B 37 8.52 -1.34 -2.75
N SER B 38 8.70 -0.87 -1.52
CA SER B 38 7.59 -0.72 -0.58
C SER B 38 7.79 0.54 0.24
N GLY B 39 6.70 1.26 0.49
CA GLY B 39 6.73 2.47 1.29
C GLY B 39 6.29 3.68 0.48
N LEU B 40 6.52 4.85 1.07
CA LEU B 40 6.17 6.11 0.42
C LEU B 40 7.20 6.45 -0.66
N LEU B 41 6.71 6.81 -1.85
CA LEU B 41 7.56 7.10 -3.01
C LEU B 41 8.50 5.94 -3.32
N ALA B 42 7.95 4.73 -3.29
CA ALA B 42 8.75 3.53 -3.49
C ALA B 42 8.95 3.25 -4.97
N GLY B 43 10.14 2.72 -5.30
CA GLY B 43 10.47 2.34 -6.65
C GLY B 43 11.25 3.39 -7.44
N LEU B 44 11.25 4.64 -6.99
CA LEU B 44 11.93 5.69 -7.72
C LEU B 44 13.42 5.70 -7.38
N TRP B 45 14.20 6.29 -8.28
CA TRP B 45 15.64 6.42 -8.10
C TRP B 45 15.96 7.75 -7.42
N GLU B 46 17.02 7.74 -6.60
CA GLU B 46 17.44 8.95 -5.91
C GLU B 46 18.91 8.81 -5.53
N PHE B 47 19.49 9.93 -5.11
CA PHE B 47 20.87 9.91 -4.64
C PHE B 47 20.96 9.12 -3.34
N PRO B 48 22.13 8.56 -3.03
CA PRO B 48 22.28 7.82 -1.77
C PRO B 48 21.95 8.70 -0.57
N SER B 49 21.07 8.21 0.28
CA SER B 49 20.65 8.92 1.48
C SER B 49 20.68 7.98 2.67
N VAL B 50 20.61 8.56 3.86
CA VAL B 50 20.63 7.79 5.10
C VAL B 50 19.73 8.48 6.11
N THR B 51 18.86 7.71 6.75
CA THR B 51 17.99 8.24 7.79
C THR B 51 18.70 8.22 9.15
N LEU B 52 18.38 9.22 9.97
CA LEU B 52 18.99 9.33 11.29
C LEU B 52 18.12 10.21 12.16
N GLU B 53 18.32 10.08 13.47
CA GLU B 53 17.58 10.89 14.42
C GLU B 53 18.05 12.33 14.36
N PRO B 54 17.16 13.29 14.68
CA PRO B 54 17.58 14.71 14.68
C PRO B 54 18.65 15.03 15.70
N SER B 55 18.92 14.13 16.66
CA SER B 55 20.02 14.35 17.60
C SER B 55 21.38 14.16 16.95
N GLU B 56 21.43 13.52 15.79
CA GLU B 56 22.67 13.27 15.05
C GLU B 56 22.49 13.72 13.60
N GLN B 57 22.10 14.98 13.42
CA GLN B 57 21.71 15.51 12.12
C GLN B 57 22.88 16.09 11.33
N HIS B 58 24.12 15.78 11.71
CA HIS B 58 25.28 16.24 10.95
C HIS B 58 26.42 15.23 10.96
N GLN B 59 26.09 13.94 11.01
CA GLN B 59 27.10 12.89 11.11
C GLN B 59 27.46 12.38 9.72
N HIS B 60 28.77 12.27 9.45
CA HIS B 60 29.26 11.78 8.17
C HIS B 60 29.47 10.27 8.14
N LYS B 61 29.48 9.60 9.29
CA LYS B 61 29.78 8.17 9.32
C LYS B 61 28.73 7.37 8.55
N ALA B 62 27.45 7.64 8.80
CA ALA B 62 26.39 6.89 8.15
C ALA B 62 26.41 7.09 6.65
N LEU B 63 26.71 8.31 6.19
CA LEU B 63 26.76 8.58 4.76
C LEU B 63 27.95 7.89 4.12
N LEU B 64 29.15 8.07 4.69
CA LEU B 64 30.35 7.47 4.14
C LEU B 64 30.28 5.95 4.16
N GLN B 65 29.65 5.38 5.20
CA GLN B 65 29.46 3.93 5.24
C GLN B 65 28.53 3.46 4.12
N GLU B 66 27.45 4.21 3.89
CA GLU B 66 26.52 3.86 2.81
C GLU B 66 27.19 3.99 1.45
N LEU B 67 28.04 5.00 1.27
CA LEU B 67 28.73 5.17 0.00
C LEU B 67 29.69 4.01 -0.28
N GLN B 68 30.32 3.49 0.77
CA GLN B 68 31.18 2.32 0.61
C GLN B 68 30.38 1.09 0.18
N ARG B 69 29.16 0.95 0.66
CA ARG B 69 28.32 -0.16 0.24
C ARG B 69 27.90 -0.05 -1.22
N TRP B 70 28.00 1.14 -1.81
CA TRP B 70 27.62 1.36 -3.19
C TRP B 70 28.79 1.75 -4.08
N CYS B 71 30.01 1.79 -3.57
CA CYS B 71 31.14 2.24 -4.37
C CYS B 71 32.47 1.69 -3.84
N GLY B 72 32.46 1.17 -2.62
CA GLY B 72 33.67 0.69 -2.00
C GLY B 72 34.41 1.81 -1.31
N PRO B 73 35.68 1.58 -0.98
CA PRO B 73 36.46 2.61 -0.30
C PRO B 73 36.76 3.79 -1.21
N LEU B 74 36.83 4.98 -0.61
CA LEU B 74 37.10 6.21 -1.34
C LEU B 74 37.88 7.17 -0.46
N PRO B 75 38.85 7.89 -1.01
CA PRO B 75 39.62 8.84 -0.20
C PRO B 75 38.78 10.00 0.31
N ALA B 76 38.43 9.98 1.60
CA ALA B 76 37.63 11.02 2.22
C ALA B 76 38.42 12.33 2.22
N ILE B 77 38.37 13.02 1.08
CA ILE B 77 39.13 14.25 0.91
C ILE B 77 38.37 15.21 0.00
N ARG B 78 37.05 15.07 -0.06
CA ARG B 78 36.27 15.92 -0.95
C ARG B 78 34.81 16.04 -0.54
N LEU B 79 34.46 15.51 0.63
CA LEU B 79 33.07 15.57 1.09
C LEU B 79 32.72 17.02 1.44
N GLN B 80 31.92 17.66 0.60
CA GLN B 80 31.60 19.08 0.73
C GLN B 80 30.12 19.27 1.02
N HIS B 81 29.83 20.14 1.98
CA HIS B 81 28.44 20.46 2.32
C HIS B 81 27.89 21.50 1.36
N LEU B 82 26.59 21.40 1.09
CA LEU B 82 25.92 22.30 0.17
C LEU B 82 24.85 23.14 0.86
N GLY B 83 23.80 22.52 1.39
CA GLY B 83 22.74 23.26 2.04
C GLY B 83 21.77 22.39 2.81
N GLU B 84 20.48 22.69 2.70
CA GLU B 84 19.45 21.96 3.43
C GLU B 84 18.24 21.77 2.53
N VAL B 85 17.81 20.53 2.36
CA VAL B 85 16.66 20.19 1.53
C VAL B 85 15.48 19.91 2.46
N ILE B 86 14.45 20.74 2.38
CA ILE B 86 13.26 20.62 3.20
C ILE B 86 12.17 19.96 2.35
N HIS B 87 11.82 18.73 2.69
CA HIS B 87 10.80 17.98 1.97
C HIS B 87 9.51 17.95 2.78
N ILE B 88 8.41 18.33 2.15
CA ILE B 88 7.12 18.36 2.82
C ILE B 88 6.36 17.07 2.55
N ILE B 92 4.54 13.38 7.52
CA ILE B 92 5.81 13.42 8.24
C ILE B 92 6.59 14.66 7.85
N LYS B 93 7.63 14.97 8.62
CA LYS B 93 8.49 16.13 8.39
C LYS B 93 9.88 15.62 8.02
N LEU B 94 10.21 15.70 6.73
CA LEU B 94 11.48 15.22 6.22
C LEU B 94 12.48 16.37 6.13
N THR B 95 13.57 16.26 6.87
CA THR B 95 14.67 17.23 6.83
C THR B 95 15.92 16.51 6.33
N TYR B 96 16.43 16.95 5.17
CA TYR B 96 17.54 16.28 4.52
C TYR B 96 18.67 17.27 4.30
N GLN B 97 19.86 16.94 4.82
CA GLN B 97 21.06 17.73 4.61
C GLN B 97 21.76 17.27 3.33
N VAL B 98 22.04 18.21 2.43
CA VAL B 98 22.58 17.91 1.11
C VAL B 98 24.09 18.11 1.15
N TYR B 99 24.83 17.05 0.79
CA TYR B 99 26.28 17.08 0.65
C TYR B 99 26.67 16.88 -0.82
N SER B 100 27.97 16.82 -1.07
CA SER B 100 28.47 16.63 -2.42
C SER B 100 29.86 15.99 -2.36
N LEU B 101 30.10 15.04 -3.25
CA LEU B 101 31.39 14.37 -3.34
C LEU B 101 31.78 14.22 -4.79
N ALA B 102 33.03 14.55 -5.10
CA ALA B 102 33.57 14.46 -6.46
C ALA B 102 34.80 13.58 -6.46
N LEU B 103 34.85 12.64 -7.40
CA LEU B 103 35.96 11.70 -7.53
C LEU B 103 36.78 12.04 -8.77
N ASP B 104 38.08 11.75 -8.69
CA ASP B 104 38.98 12.05 -9.81
C ASP B 104 39.02 10.94 -10.85
N GLN B 105 38.52 9.75 -10.52
CA GLN B 105 38.57 8.62 -11.42
C GLN B 105 37.23 7.88 -11.35
N ALA B 106 37.24 6.61 -11.73
CA ALA B 106 36.05 5.77 -11.74
C ALA B 106 35.88 5.11 -10.38
N PRO B 107 34.72 4.50 -10.13
CA PRO B 107 34.53 3.78 -8.86
C PRO B 107 35.52 2.63 -8.70
N ALA B 108 35.57 2.10 -7.48
CA ALA B 108 36.61 1.17 -7.09
C ALA B 108 36.69 -0.03 -8.02
N SER B 109 35.58 -0.75 -8.17
CA SER B 109 35.52 -1.88 -9.11
C SER B 109 34.47 -1.62 -10.17
N THR B 110 33.19 -1.66 -9.84
CA THR B 110 32.12 -1.31 -10.76
C THR B 110 30.90 -0.92 -9.92
N ALA B 111 29.84 -0.53 -10.61
CA ALA B 111 28.60 -0.20 -9.92
C ALA B 111 27.94 -1.48 -9.42
N PRO B 112 27.74 -1.63 -8.11
CA PRO B 112 27.07 -2.82 -7.59
C PRO B 112 25.64 -2.90 -8.08
N PRO B 113 25.00 -4.07 -8.00
CA PRO B 113 23.62 -4.21 -8.48
C PRO B 113 22.66 -3.26 -7.76
N GLY B 114 22.16 -2.26 -8.48
CA GLY B 114 21.25 -1.29 -7.90
C GLY B 114 21.67 0.14 -8.17
N ALA B 115 22.86 0.32 -8.74
CA ALA B 115 23.40 1.63 -9.04
C ALA B 115 23.42 1.88 -10.55
N ARG B 116 23.30 3.15 -10.92
CA ARG B 116 23.30 3.54 -12.34
C ARG B 116 23.95 4.90 -12.47
N TRP B 117 25.03 4.97 -13.24
CA TRP B 117 25.75 6.23 -13.47
C TRP B 117 25.17 6.86 -14.74
N LEU B 118 24.18 7.72 -14.56
CA LEU B 118 23.52 8.39 -15.68
C LEU B 118 24.17 9.73 -15.95
N THR B 119 23.92 10.24 -17.16
CA THR B 119 24.46 11.53 -17.58
C THR B 119 23.53 12.65 -17.12
N TRP B 120 23.78 13.86 -17.60
CA TRP B 120 22.89 14.98 -17.27
C TRP B 120 21.56 14.85 -18.00
N GLU B 121 21.59 14.46 -19.27
CA GLU B 121 20.37 14.21 -20.01
C GLU B 121 19.69 12.91 -19.59
N GLU B 122 20.48 11.89 -19.25
CA GLU B 122 19.91 10.63 -18.77
C GLU B 122 19.25 10.79 -17.41
N PHE B 123 19.65 11.79 -16.63
CA PHE B 123 19.03 12.05 -15.33
C PHE B 123 17.85 13.00 -15.43
N CYS B 124 17.84 13.90 -16.41
CA CYS B 124 16.75 14.85 -16.60
C CYS B 124 15.56 14.23 -17.31
N ASN B 125 15.51 12.89 -17.43
CA ASN B 125 14.39 12.23 -18.09
C ASN B 125 14.15 10.83 -17.54
N ALA B 126 14.51 10.59 -16.28
CA ALA B 126 14.33 9.29 -15.63
C ALA B 126 13.17 9.40 -14.66
N ALA B 127 13.32 9.03 -13.38
CA ALA B 127 12.23 9.12 -12.41
C ALA B 127 12.83 9.25 -11.02
N VAL B 128 12.52 10.37 -10.35
CA VAL B 128 13.05 10.66 -9.02
C VAL B 128 11.94 11.29 -8.19
N SER B 129 12.24 11.49 -6.91
CA SER B 129 11.28 12.09 -5.99
C SER B 129 11.31 13.61 -6.07
N THR B 130 10.19 14.23 -5.68
CA THR B 130 10.12 15.69 -5.67
C THR B 130 11.11 16.29 -4.69
N ALA B 131 11.46 15.55 -3.63
CA ALA B 131 12.50 16.01 -2.71
C ALA B 131 13.86 16.04 -3.38
N MET B 132 14.19 14.99 -4.14
CA MET B 132 15.47 14.97 -4.86
C MET B 132 15.49 16.00 -5.98
N LYS B 133 14.32 16.36 -6.52
CA LYS B 133 14.27 17.40 -7.54
C LYS B 133 14.84 18.72 -7.03
N LYS B 134 14.61 19.03 -5.76
CA LYS B 134 15.21 20.20 -5.14
C LYS B 134 16.66 19.96 -4.72
N VAL B 135 17.10 18.71 -4.69
CA VAL B 135 18.49 18.43 -4.34
C VAL B 135 19.42 18.75 -5.49
N PHE B 136 19.02 18.43 -6.72
CA PHE B 136 19.84 18.74 -7.88
C PHE B 136 19.84 20.23 -8.20
N ARG B 137 18.93 21.01 -7.63
CA ARG B 137 18.91 22.44 -7.89
C ARG B 137 19.99 23.16 -7.10
N MET B 138 20.24 22.75 -5.85
CA MET B 138 21.29 23.38 -5.06
C MET B 138 22.67 23.02 -5.57
N TYR B 139 22.81 21.87 -6.23
CA TYR B 139 24.11 21.47 -6.77
C TYR B 139 24.52 22.35 -7.94
N GLU B 140 23.56 22.78 -8.76
CA GLU B 140 23.86 23.63 -9.91
C GLU B 140 24.09 25.09 -9.51
N ASP B 141 23.52 25.53 -8.38
CA ASP B 141 23.69 26.91 -7.96
C ASP B 141 25.13 27.18 -7.55
N HIS B 142 25.69 26.34 -6.67
CA HIS B 142 27.07 26.52 -6.22
C HIS B 142 28.10 26.07 -7.26
N ARG B 143 27.67 25.45 -8.35
CA ARG B 143 28.58 24.97 -9.38
C ARG B 143 29.16 26.14 -10.18
N PRO B 164 5.38 15.11 -18.05
CA PRO B 164 4.39 14.61 -17.09
C PRO B 164 4.92 13.48 -16.21
N SER B 165 5.25 13.81 -14.95
CA SER B 165 5.77 12.86 -13.99
C SER B 165 4.94 12.92 -12.72
N LEU B 166 4.28 11.81 -12.39
CA LEU B 166 3.39 11.73 -11.25
C LEU B 166 4.08 11.05 -10.07
N GLY B 167 3.58 11.35 -8.87
CA GLY B 167 4.12 10.77 -7.65
C GLY B 167 3.02 10.27 -6.74
N GLN B 168 3.28 9.15 -6.08
CA GLN B 168 2.27 8.54 -5.23
C GLN B 168 1.93 9.43 -4.04
N GLN B 169 0.63 9.54 -3.76
CA GLN B 169 0.13 10.40 -2.69
C GLN B 169 -0.12 9.57 -1.43
N VAL B 170 -0.76 10.21 -0.45
CA VAL B 170 -0.98 9.63 0.87
C VAL B 170 -2.43 9.86 1.26
N LEU B 171 -3.06 8.85 1.85
CA LEU B 171 -4.47 8.96 2.24
C LEU B 171 -4.69 9.94 3.39
N ASP B 172 -3.64 10.45 4.03
CA ASP B 172 -3.82 11.41 5.10
C ASP B 172 -4.44 12.72 4.61
N THR B 173 -4.30 13.02 3.32
CA THR B 173 -4.85 14.27 2.78
C THR B 173 -6.37 14.22 2.65
N PHE B 174 -6.96 13.03 2.54
CA PHE B 174 -8.40 12.90 2.37
C PHE B 174 -9.13 12.50 3.65
N PHE B 175 -8.45 11.86 4.60
CA PHE B 175 -9.06 11.35 5.83
C PHE B 175 -8.40 12.07 7.01
N GLN B 176 -8.99 13.20 7.41
CA GLN B 176 -8.47 13.95 8.54
C GLN B 176 -8.74 13.22 9.85
N ARG B 177 -8.02 13.62 10.89
CA ARG B 177 -8.17 13.02 12.21
C ARG B 177 -9.00 13.91 13.13
#